data_3QKY
#
_entry.id   3QKY
#
_cell.length_a   114.370
_cell.length_b   114.370
_cell.length_c   77.630
_cell.angle_alpha   90.00
_cell.angle_beta   90.00
_cell.angle_gamma   120.00
#
_symmetry.space_group_name_H-M   'H 3'
#
loop_
_entity.id
_entity.type
_entity.pdbx_description
1 polymer 'Outer membrane assembly lipoprotein YfiO'
2 water water
#
_entity_poly.entity_id   1
_entity_poly.type   'polypeptide(L)'
_entity_poly.pdbx_seq_one_letter_code
;GHMAAGSGRLRHSSPQEAFERAMEFYNQGKYDRAIEYFKAVFTYGRTHEWAADAQFYLARAYYQNKEYLLAASEYERFIQ
IYQIDPRVPQAEYERAMCYYKLSPPYELDQTDTRKAIEAFQLFIDRYPNHELVDDATQKIRELRAKLARKQYEAARLYER
RELYEAAAVTYEAVFDAYPDTPWADDALVGAMRAYIAYAEQSVRARQPERYRRAVELYERLLQIFPDSPLLRTAEELYTR
ARQRLTELEGDASLAQGQRQN
;
_entity_poly.pdbx_strand_id   A
#
# COMPACT_ATOMS: atom_id res chain seq x y z
N ARG A 11 2.70 43.86 -12.81
CA ARG A 11 2.49 42.41 -12.77
C ARG A 11 1.83 41.87 -14.04
N HIS A 12 0.56 42.18 -14.22
CA HIS A 12 -0.22 41.58 -15.31
C HIS A 12 -1.46 42.39 -15.70
N SER A 13 -1.80 42.33 -16.98
CA SER A 13 -2.96 43.05 -17.48
C SER A 13 -4.00 42.14 -18.14
N SER A 14 -3.64 40.87 -18.35
CA SER A 14 -4.56 39.90 -18.96
C SER A 14 -4.21 38.47 -18.55
N PRO A 15 -5.15 37.52 -18.77
CA PRO A 15 -4.86 36.12 -18.43
C PRO A 15 -3.62 35.61 -19.19
N GLN A 16 -3.41 36.10 -20.41
CA GLN A 16 -2.28 35.66 -21.23
C GLN A 16 -0.93 36.11 -20.68
N GLU A 17 -0.85 37.37 -20.24
CA GLU A 17 0.38 37.90 -19.68
C GLU A 17 0.72 37.17 -18.40
N ALA A 18 -0.29 36.98 -17.55
CA ALA A 18 -0.11 36.26 -16.31
C ALA A 18 0.32 34.82 -16.58
N PHE A 19 -0.36 34.16 -17.52
CA PHE A 19 -0.02 32.80 -17.90
C PHE A 19 1.40 32.66 -18.45
N GLU A 20 1.75 33.50 -19.42
CA GLU A 20 3.07 33.42 -20.05
C GLU A 20 4.18 33.80 -19.07
N ARG A 21 3.91 34.72 -18.16
CA ARG A 21 4.86 35.05 -17.09
C ARG A 21 5.04 33.84 -16.16
N ALA A 22 3.93 33.19 -15.81
CA ALA A 22 3.98 31.98 -14.99
C ALA A 22 4.82 30.90 -15.67
N MET A 23 4.58 30.69 -16.96
CA MET A 23 5.34 29.69 -17.72
C MET A 23 6.82 30.06 -17.79
N GLU A 24 7.13 31.35 -18.00
CA GLU A 24 8.51 31.82 -17.97
C GLU A 24 9.20 31.35 -16.67
N PHE A 25 8.59 31.65 -15.53
CA PHE A 25 9.14 31.22 -14.25
C PHE A 25 9.19 29.69 -14.15
N TYR A 26 8.10 29.04 -14.53
CA TYR A 26 8.01 27.58 -14.49
C TYR A 26 9.18 26.90 -15.20
N ASN A 27 9.49 27.40 -16.40
CA ASN A 27 10.51 26.78 -17.25
C ASN A 27 11.93 26.92 -16.72
N GLN A 28 12.16 27.93 -15.88
CA GLN A 28 13.49 28.09 -15.27
C GLN A 28 13.51 27.60 -13.83
N GLY A 29 12.45 26.89 -13.43
CA GLY A 29 12.38 26.26 -12.13
C GLY A 29 12.10 27.20 -10.96
N LYS A 30 11.56 28.38 -11.26
CA LYS A 30 11.17 29.35 -10.22
C LYS A 30 9.74 29.14 -9.78
N TYR A 31 9.49 27.99 -9.15
CA TYR A 31 8.14 27.51 -8.90
C TYR A 31 7.30 28.41 -7.98
N ASP A 32 7.94 29.03 -6.99
CA ASP A 32 7.21 29.93 -6.09
C ASP A 32 6.58 31.09 -6.86
N ARG A 33 7.39 31.71 -7.72
CA ARG A 33 6.93 32.83 -8.55
C ARG A 33 5.91 32.36 -9.59
N ALA A 34 6.23 31.26 -10.29
CA ALA A 34 5.27 30.69 -11.23
C ALA A 34 3.89 30.54 -10.59
N ILE A 35 3.88 29.95 -9.39
CA ILE A 35 2.63 29.66 -8.70
C ILE A 35 1.82 30.93 -8.51
N GLU A 36 2.48 31.99 -8.08
CA GLU A 36 1.80 33.26 -7.89
C GLU A 36 1.15 33.74 -9.19
N TYR A 37 1.87 33.60 -10.30
CA TYR A 37 1.36 34.01 -11.60
C TYR A 37 0.25 33.13 -12.17
N PHE A 38 0.35 31.81 -12.01
CA PHE A 38 -0.77 30.93 -12.36
C PHE A 38 -2.03 31.35 -11.62
N LYS A 39 -1.91 31.64 -10.33
CA LYS A 39 -3.08 32.05 -9.54
C LYS A 39 -3.67 33.36 -10.07
N ALA A 40 -2.79 34.29 -10.45
CA ALA A 40 -3.23 35.54 -11.06
C ALA A 40 -4.12 35.30 -12.28
N VAL A 41 -3.82 34.26 -13.05
CA VAL A 41 -4.62 33.97 -14.25
C VAL A 41 -6.10 33.94 -13.93
N PHE A 42 -6.43 33.38 -12.77
CA PHE A 42 -7.83 33.15 -12.41
C PHE A 42 -8.55 34.39 -11.87
N THR A 43 -7.83 35.51 -11.73
CA THR A 43 -8.50 36.76 -11.36
C THR A 43 -9.35 37.27 -12.51
N TYR A 44 -9.12 36.73 -13.71
CA TYR A 44 -9.94 37.08 -14.87
C TYR A 44 -11.03 36.04 -15.13
N GLY A 45 -11.24 35.15 -14.16
CA GLY A 45 -12.20 34.07 -14.33
C GLY A 45 -11.56 32.86 -14.99
N ARG A 46 -12.39 31.90 -15.38
CA ARG A 46 -11.89 30.61 -15.89
C ARG A 46 -12.50 30.25 -17.25
N THR A 47 -13.01 31.25 -17.96
CA THR A 47 -13.68 31.03 -19.23
C THR A 47 -12.73 31.29 -20.41
N HIS A 48 -11.79 32.20 -20.19
CA HIS A 48 -10.79 32.52 -21.21
C HIS A 48 -10.00 31.29 -21.65
N GLU A 49 -9.32 31.39 -22.79
CA GLU A 49 -8.73 30.20 -23.36
C GLU A 49 -7.52 29.67 -22.61
N TRP A 50 -7.06 30.40 -21.59
CA TRP A 50 -5.84 30.01 -20.88
C TRP A 50 -6.09 29.30 -19.55
N ALA A 51 -7.36 29.13 -19.18
CA ALA A 51 -7.70 28.65 -17.84
C ALA A 51 -7.31 27.18 -17.63
N ALA A 52 -7.55 26.34 -18.62
CA ALA A 52 -7.23 24.93 -18.49
C ALA A 52 -5.72 24.74 -18.30
N ASP A 53 -4.92 25.33 -19.18
CA ASP A 53 -3.48 25.20 -19.11
C ASP A 53 -2.94 25.78 -17.81
N ALA A 54 -3.50 26.91 -17.39
CA ALA A 54 -3.08 27.55 -16.15
C ALA A 54 -3.30 26.63 -14.96
N GLN A 55 -4.48 26.04 -14.89
CA GLN A 55 -4.82 25.13 -13.81
C GLN A 55 -3.94 23.88 -13.81
N PHE A 56 -3.67 23.32 -14.98
CA PHE A 56 -2.85 22.13 -15.10
C PHE A 56 -1.40 22.40 -14.68
N TYR A 57 -0.83 23.51 -15.14
CA TYR A 57 0.56 23.80 -14.79
C TYR A 57 0.72 24.35 -13.36
N LEU A 58 -0.36 24.90 -12.80
CA LEU A 58 -0.36 25.27 -11.39
C LEU A 58 -0.15 24.01 -10.55
N ALA A 59 -0.95 22.99 -10.83
CA ALA A 59 -0.83 21.73 -10.11
C ALA A 59 0.61 21.22 -10.24
N ARG A 60 1.15 21.21 -11.46
CA ARG A 60 2.53 20.79 -11.65
C ARG A 60 3.57 21.64 -10.92
N ALA A 61 3.35 22.96 -10.89
CA ALA A 61 4.28 23.85 -10.21
C ALA A 61 4.35 23.53 -8.71
N TYR A 62 3.18 23.37 -8.07
CA TYR A 62 3.14 22.93 -6.67
C TYR A 62 3.90 21.61 -6.51
N TYR A 63 3.67 20.68 -7.43
CA TYR A 63 4.35 19.40 -7.36
C TYR A 63 5.87 19.57 -7.42
N GLN A 64 6.34 20.35 -8.39
CA GLN A 64 7.77 20.54 -8.58
C GLN A 64 8.37 21.30 -7.40
N ASN A 65 7.53 22.10 -6.73
CA ASN A 65 7.94 22.85 -5.56
C ASN A 65 7.80 22.02 -4.28
N LYS A 66 7.37 20.76 -4.45
CA LYS A 66 7.24 19.84 -3.33
C LYS A 66 6.14 20.26 -2.36
N GLU A 67 5.16 20.99 -2.86
CA GLU A 67 3.95 21.27 -2.10
C GLU A 67 2.86 20.28 -2.53
N TYR A 68 3.03 19.01 -2.13
CA TYR A 68 2.24 17.90 -2.65
C TYR A 68 0.75 17.94 -2.34
N LEU A 69 0.39 18.36 -1.13
CA LEU A 69 -1.03 18.47 -0.76
C LEU A 69 -1.71 19.54 -1.60
N LEU A 70 -1.04 20.68 -1.76
CA LEU A 70 -1.58 21.73 -2.61
C LEU A 70 -1.67 21.25 -4.06
N ALA A 71 -0.61 20.60 -4.55
CA ALA A 71 -0.64 20.01 -5.88
C ALA A 71 -1.88 19.12 -6.04
N ALA A 72 -2.07 18.20 -5.10
CA ALA A 72 -3.18 17.23 -5.18
C ALA A 72 -4.52 17.93 -5.33
N SER A 73 -4.74 18.96 -4.51
CA SER A 73 -5.97 19.72 -4.57
C SER A 73 -6.20 20.38 -5.94
N GLU A 74 -5.14 20.91 -6.54
CA GLU A 74 -5.27 21.59 -7.83
C GLU A 74 -5.46 20.59 -8.99
N TYR A 75 -4.81 19.43 -8.90
CA TYR A 75 -5.07 18.34 -9.84
C TYR A 75 -6.55 17.94 -9.78
N GLU A 76 -7.05 17.79 -8.55
CA GLU A 76 -8.44 17.44 -8.36
C GLU A 76 -9.36 18.51 -9.00
N ARG A 77 -9.02 19.77 -8.82
CA ARG A 77 -9.82 20.84 -9.41
C ARG A 77 -9.78 20.79 -10.93
N PHE A 78 -8.62 20.54 -11.52
CA PHE A 78 -8.51 20.36 -12.97
C PHE A 78 -9.49 19.29 -13.46
N ILE A 79 -9.48 18.15 -12.78
CA ILE A 79 -10.33 17.03 -13.15
C ILE A 79 -11.83 17.36 -12.99
N GLN A 80 -12.15 18.08 -11.93
CA GLN A 80 -13.51 18.52 -11.69
C GLN A 80 -14.03 19.49 -12.77
N ILE A 81 -13.15 20.39 -13.23
CA ILE A 81 -13.56 21.48 -14.12
C ILE A 81 -13.54 21.11 -15.60
N TYR A 82 -12.51 20.37 -16.03
CA TYR A 82 -12.31 20.11 -17.45
C TYR A 82 -12.33 18.62 -17.76
N GLN A 83 -13.51 18.01 -17.63
CA GLN A 83 -13.69 16.56 -17.70
C GLN A 83 -13.34 15.87 -19.03
N ILE A 84 -13.36 16.60 -20.14
CA ILE A 84 -12.94 15.99 -21.42
C ILE A 84 -11.61 16.50 -21.93
N ASP A 85 -10.86 17.21 -21.09
CA ASP A 85 -9.50 17.55 -21.46
C ASP A 85 -8.65 16.27 -21.56
N PRO A 86 -7.90 16.11 -22.65
CA PRO A 86 -7.12 14.90 -22.85
C PRO A 86 -6.12 14.60 -21.73
N ARG A 87 -5.82 15.61 -20.92
CA ARG A 87 -4.87 15.47 -19.81
C ARG A 87 -5.50 14.97 -18.52
N VAL A 88 -6.82 14.84 -18.51
CA VAL A 88 -7.50 14.42 -17.30
C VAL A 88 -6.94 13.11 -16.70
N PRO A 89 -6.62 12.12 -17.56
CA PRO A 89 -6.01 10.89 -17.01
C PRO A 89 -4.63 11.15 -16.40
N GLN A 90 -3.78 11.90 -17.10
CA GLN A 90 -2.49 12.32 -16.56
C GLN A 90 -2.65 13.01 -15.20
N ALA A 91 -3.63 13.90 -15.11
CA ALA A 91 -3.86 14.65 -13.88
C ALA A 91 -4.20 13.73 -12.71
N GLU A 92 -5.06 12.74 -12.96
CA GLU A 92 -5.42 11.80 -11.92
C GLU A 92 -4.22 10.99 -11.48
N TYR A 93 -3.40 10.57 -12.44
CA TYR A 93 -2.15 9.88 -12.15
C TYR A 93 -1.17 10.73 -11.33
N GLU A 94 -0.95 11.97 -11.76
CA GLU A 94 0.02 12.83 -11.11
C GLU A 94 -0.46 13.20 -9.70
N ARG A 95 -1.77 13.29 -9.53
CA ARG A 95 -2.35 13.48 -8.21
C ARG A 95 -2.03 12.29 -7.28
N ALA A 96 -2.19 11.07 -7.79
CA ALA A 96 -1.76 9.90 -7.01
C ALA A 96 -0.27 10.00 -6.68
N MET A 97 0.52 10.52 -7.61
CA MET A 97 1.96 10.71 -7.37
C MET A 97 2.26 11.65 -6.18
N CYS A 98 1.37 12.60 -5.93
CA CYS A 98 1.52 13.51 -4.79
C CYS A 98 1.54 12.72 -3.48
N TYR A 99 0.59 11.82 -3.34
CA TYR A 99 0.51 10.99 -2.17
C TYR A 99 1.68 9.99 -2.12
N TYR A 100 2.06 9.49 -3.30
CA TYR A 100 3.25 8.63 -3.42
C TYR A 100 4.48 9.32 -2.85
N LYS A 101 4.73 10.56 -3.25
CA LYS A 101 5.86 11.30 -2.72
C LYS A 101 5.74 11.50 -1.20
N LEU A 102 4.52 11.73 -0.72
CA LEU A 102 4.27 11.95 0.70
C LEU A 102 4.41 10.68 1.55
N SER A 103 4.21 9.52 0.92
CA SER A 103 4.35 8.23 1.61
C SER A 103 5.73 8.11 2.25
N PRO A 104 5.77 8.02 3.59
CA PRO A 104 7.06 8.05 4.28
C PRO A 104 7.65 6.65 4.52
N PRO A 105 8.87 6.57 5.08
CA PRO A 105 9.47 5.26 5.38
C PRO A 105 8.54 4.40 6.22
N TYR A 106 8.64 3.08 6.07
CA TYR A 106 7.67 2.15 6.64
C TYR A 106 7.49 2.23 8.16
N GLU A 107 8.50 2.67 8.89
CA GLU A 107 8.38 2.75 10.36
C GLU A 107 7.41 3.84 10.83
N LEU A 108 7.08 4.76 9.95
CA LEU A 108 6.22 5.89 10.30
C LEU A 108 4.76 5.66 9.91
N ASP A 109 3.88 6.54 10.35
CA ASP A 109 2.45 6.44 10.02
C ASP A 109 2.25 6.36 8.50
N GLN A 110 1.41 5.44 8.06
CA GLN A 110 1.27 5.16 6.64
C GLN A 110 -0.01 5.70 6.01
N THR A 111 -0.65 6.63 6.69
CA THR A 111 -1.85 7.27 6.14
C THR A 111 -1.69 7.64 4.66
N ASP A 112 -0.66 8.41 4.31
CA ASP A 112 -0.50 8.84 2.91
C ASP A 112 -0.18 7.69 1.94
N THR A 113 0.45 6.65 2.44
CA THR A 113 0.65 5.45 1.65
C THR A 113 -0.69 4.85 1.25
N ARG A 114 -1.61 4.71 2.21
CA ARG A 114 -2.93 4.18 1.90
C ARG A 114 -3.69 5.14 0.96
N LYS A 115 -3.52 6.44 1.15
CA LYS A 115 -4.14 7.40 0.25
C LYS A 115 -3.66 7.23 -1.20
N ALA A 116 -2.36 7.04 -1.37
CA ALA A 116 -1.76 6.88 -2.69
C ALA A 116 -2.31 5.64 -3.38
N ILE A 117 -2.33 4.53 -2.65
CA ILE A 117 -2.79 3.26 -3.19
C ILE A 117 -4.21 3.40 -3.72
N GLU A 118 -5.11 3.94 -2.91
CA GLU A 118 -6.50 4.16 -3.33
C GLU A 118 -6.56 5.01 -4.59
N ALA A 119 -5.77 6.08 -4.64
CA ALA A 119 -5.77 7.00 -5.78
C ALA A 119 -5.34 6.29 -7.05
N PHE A 120 -4.26 5.51 -6.97
CA PHE A 120 -3.77 4.75 -8.11
C PHE A 120 -4.78 3.72 -8.56
N GLN A 121 -5.42 3.07 -7.59
CA GLN A 121 -6.37 2.01 -7.88
C GLN A 121 -7.58 2.57 -8.61
N LEU A 122 -8.08 3.73 -8.17
CA LEU A 122 -9.18 4.39 -8.86
C LEU A 122 -8.78 4.70 -10.30
N PHE A 123 -7.58 5.23 -10.47
CA PHE A 123 -7.06 5.54 -11.80
C PHE A 123 -7.08 4.29 -12.70
N ILE A 124 -6.57 3.19 -12.17
CA ILE A 124 -6.52 1.94 -12.92
C ILE A 124 -7.93 1.44 -13.25
N ASP A 125 -8.87 1.59 -12.33
CA ASP A 125 -10.24 1.16 -12.63
C ASP A 125 -10.90 1.98 -13.73
N ARG A 126 -10.61 3.27 -13.71
CA ARG A 126 -11.25 4.23 -14.59
C ARG A 126 -10.70 4.15 -16.01
N TYR A 127 -9.39 3.94 -16.12
CA TYR A 127 -8.73 3.83 -17.44
C TYR A 127 -7.85 2.59 -17.54
N PRO A 128 -8.47 1.41 -17.60
CA PRO A 128 -7.72 0.15 -17.47
C PRO A 128 -6.67 -0.10 -18.56
N ASN A 129 -6.76 0.55 -19.71
CA ASN A 129 -5.77 0.39 -20.77
C ASN A 129 -4.84 1.58 -20.98
N HIS A 130 -4.92 2.56 -20.09
CA HIS A 130 -4.14 3.78 -20.29
C HIS A 130 -2.64 3.52 -20.29
N GLU A 131 -1.93 4.32 -21.08
CA GLU A 131 -0.47 4.27 -21.12
C GLU A 131 0.18 4.18 -19.73
N LEU A 132 -0.39 4.86 -18.74
CA LEU A 132 0.23 4.96 -17.42
C LEU A 132 -0.14 3.82 -16.46
N VAL A 133 -0.95 2.86 -16.91
CA VAL A 133 -1.38 1.79 -16.01
C VAL A 133 -0.21 0.95 -15.46
N ASP A 134 0.74 0.58 -16.31
CA ASP A 134 1.91 -0.18 -15.86
C ASP A 134 2.67 0.59 -14.79
N ASP A 135 2.81 1.90 -14.96
CA ASP A 135 3.49 2.73 -13.97
C ASP A 135 2.71 2.77 -12.67
N ALA A 136 1.39 2.92 -12.77
CA ALA A 136 0.56 3.03 -11.59
C ALA A 136 0.58 1.71 -10.84
N THR A 137 0.60 0.61 -11.56
CA THR A 137 0.63 -0.71 -10.95
C THR A 137 1.93 -0.91 -10.19
N GLN A 138 3.03 -0.45 -10.77
CA GLN A 138 4.33 -0.60 -10.13
C GLN A 138 4.37 0.27 -8.85
N LYS A 139 3.74 1.43 -8.88
CA LYS A 139 3.68 2.26 -7.67
C LYS A 139 2.86 1.54 -6.58
N ILE A 140 1.74 0.95 -6.96
CA ILE A 140 0.93 0.20 -6.01
C ILE A 140 1.75 -0.91 -5.34
N ARG A 141 2.46 -1.69 -6.15
CA ARG A 141 3.28 -2.77 -5.63
C ARG A 141 4.29 -2.24 -4.61
N GLU A 142 4.89 -1.10 -4.95
CA GLU A 142 5.93 -0.53 -4.11
C GLU A 142 5.32 -0.03 -2.79
N LEU A 143 4.17 0.63 -2.88
CA LEU A 143 3.48 1.12 -1.70
C LEU A 143 2.95 -0.03 -0.81
N ARG A 144 2.37 -1.04 -1.44
CA ARG A 144 1.90 -2.22 -0.70
C ARG A 144 3.04 -2.94 0.02
N ALA A 145 4.22 -2.95 -0.58
CA ALA A 145 5.38 -3.59 0.05
C ALA A 145 5.81 -2.89 1.34
N LYS A 146 5.71 -1.56 1.36
CA LYS A 146 5.97 -0.80 2.57
C LYS A 146 5.05 -1.27 3.67
N LEU A 147 3.76 -1.34 3.36
CA LEU A 147 2.74 -1.72 4.34
C LEU A 147 2.98 -3.13 4.86
N ALA A 148 3.33 -4.04 3.95
CA ALA A 148 3.57 -5.42 4.31
C ALA A 148 4.80 -5.50 5.23
N ARG A 149 5.83 -4.74 4.88
CA ARG A 149 7.08 -4.77 5.64
C ARG A 149 6.86 -4.26 7.05
N LYS A 150 6.10 -3.17 7.19
CA LYS A 150 5.76 -2.66 8.50
C LYS A 150 5.13 -3.75 9.36
N GLN A 151 4.18 -4.49 8.80
CA GLN A 151 3.51 -5.53 9.57
C GLN A 151 4.44 -6.71 9.85
N TYR A 152 5.29 -7.05 8.88
CA TYR A 152 6.23 -8.18 9.04
C TYR A 152 7.18 -7.89 10.18
N GLU A 153 7.76 -6.70 10.17
CA GLU A 153 8.71 -6.29 11.20
C GLU A 153 8.06 -6.21 12.58
N ALA A 154 6.81 -5.73 12.64
CA ALA A 154 6.04 -5.75 13.88
C ALA A 154 5.87 -7.20 14.39
N ALA A 155 5.53 -8.12 13.49
CA ALA A 155 5.36 -9.51 13.87
C ALA A 155 6.66 -10.08 14.45
N ARG A 156 7.79 -9.76 13.82
CA ARG A 156 9.11 -10.20 14.29
C ARG A 156 9.38 -9.71 15.71
N LEU A 157 9.03 -8.46 16.00
CA LEU A 157 9.20 -7.92 17.34
C LEU A 157 8.35 -8.68 18.38
N TYR A 158 7.10 -8.97 18.04
CA TYR A 158 6.25 -9.78 18.93
C TYR A 158 6.84 -11.16 19.17
N GLU A 159 7.31 -11.79 18.09
CA GLU A 159 7.89 -13.11 18.21
C GLU A 159 9.12 -13.04 19.13
N ARG A 160 9.99 -12.07 18.88
CA ARG A 160 11.14 -11.83 19.73
C ARG A 160 10.75 -11.64 21.21
N ARG A 161 9.60 -11.01 21.45
CA ARG A 161 9.16 -10.76 22.81
C ARG A 161 8.38 -11.93 23.37
N GLU A 162 8.28 -13.02 22.59
CA GLU A 162 7.55 -14.21 23.00
C GLU A 162 6.05 -13.95 23.21
N LEU A 163 5.52 -12.94 22.51
CA LEU A 163 4.09 -12.73 22.38
C LEU A 163 3.65 -13.43 21.08
N TYR A 164 3.41 -14.74 21.16
CA TYR A 164 3.33 -15.53 19.93
C TYR A 164 1.99 -15.42 19.21
N GLU A 165 0.89 -15.36 19.95
CA GLU A 165 -0.41 -15.11 19.32
C GLU A 165 -0.37 -13.77 18.59
N ALA A 166 0.14 -12.74 19.25
CA ALA A 166 0.27 -11.43 18.60
C ALA A 166 1.11 -11.56 17.33
N ALA A 167 2.22 -12.28 17.42
CA ALA A 167 3.09 -12.46 16.26
C ALA A 167 2.32 -13.12 15.12
N ALA A 168 1.66 -14.24 15.44
CA ALA A 168 0.94 -15.02 14.45
C ALA A 168 -0.11 -14.21 13.65
N VAL A 169 -0.95 -13.46 14.35
CA VAL A 169 -2.00 -12.70 13.68
C VAL A 169 -1.43 -11.50 12.94
N THR A 170 -0.28 -11.00 13.40
CA THR A 170 0.39 -9.91 12.70
C THR A 170 1.08 -10.39 11.41
N TYR A 171 1.68 -11.59 11.43
CA TYR A 171 2.13 -12.23 10.20
C TYR A 171 0.94 -12.47 9.26
N GLU A 172 -0.20 -12.90 9.80
CA GLU A 172 -1.39 -13.12 8.96
C GLU A 172 -1.89 -11.85 8.29
N ALA A 173 -1.74 -10.72 8.97
CA ALA A 173 -2.08 -9.43 8.39
C ALA A 173 -1.35 -9.25 7.04
N VAL A 174 -0.08 -9.62 7.00
CA VAL A 174 0.70 -9.50 5.78
C VAL A 174 0.09 -10.31 4.63
N PHE A 175 -0.10 -11.61 4.83
CA PHE A 175 -0.59 -12.41 3.71
C PHE A 175 -2.10 -12.33 3.44
N ASP A 176 -2.90 -11.96 4.43
CA ASP A 176 -4.34 -11.73 4.20
C ASP A 176 -4.61 -10.39 3.53
N ALA A 177 -3.93 -9.34 3.97
CA ALA A 177 -4.16 -8.00 3.43
C ALA A 177 -3.27 -7.65 2.25
N TYR A 178 -2.05 -8.20 2.21
CA TYR A 178 -1.13 -7.86 1.13
C TYR A 178 -0.49 -9.10 0.50
N PRO A 179 -1.32 -9.98 -0.08
CA PRO A 179 -0.86 -11.28 -0.58
C PRO A 179 0.09 -11.23 -1.77
N ASP A 180 0.19 -10.09 -2.45
CA ASP A 180 1.02 -9.99 -3.64
C ASP A 180 2.39 -9.39 -3.35
N THR A 181 2.60 -8.93 -2.11
CA THR A 181 3.90 -8.36 -1.75
C THR A 181 4.92 -9.47 -1.61
N PRO A 182 6.20 -9.13 -1.67
CA PRO A 182 7.24 -10.16 -1.53
C PRO A 182 7.35 -10.69 -0.10
N TRP A 183 6.66 -10.07 0.85
CA TRP A 183 6.78 -10.49 2.23
C TRP A 183 5.75 -11.56 2.57
N ALA A 184 4.84 -11.84 1.64
CA ALA A 184 3.70 -12.68 1.94
C ALA A 184 4.06 -14.15 2.22
N ASP A 185 4.92 -14.75 1.42
CA ASP A 185 5.28 -16.15 1.70
C ASP A 185 6.13 -16.26 2.99
N ASP A 186 7.05 -15.32 3.17
CA ASP A 186 7.79 -15.20 4.43
C ASP A 186 6.88 -15.12 5.65
N ALA A 187 5.77 -14.39 5.50
CA ALA A 187 4.82 -14.19 6.58
C ALA A 187 3.99 -15.44 6.90
N LEU A 188 3.62 -16.20 5.87
CA LEU A 188 2.99 -17.50 6.09
C LEU A 188 3.88 -18.41 6.95
N VAL A 189 5.16 -18.50 6.62
CA VAL A 189 6.11 -19.30 7.38
C VAL A 189 6.25 -18.78 8.79
N GLY A 190 6.38 -17.46 8.92
CA GLY A 190 6.49 -16.83 10.21
C GLY A 190 5.27 -17.15 11.07
N ALA A 191 4.07 -17.11 10.46
CA ALA A 191 2.85 -17.49 11.17
C ALA A 191 2.86 -18.93 11.64
N MET A 192 3.28 -19.86 10.79
CA MET A 192 3.40 -21.26 11.21
C MET A 192 4.31 -21.39 12.43
N ARG A 193 5.46 -20.74 12.36
CA ARG A 193 6.43 -20.79 13.44
C ARG A 193 5.83 -20.22 14.73
N ALA A 194 5.13 -19.10 14.60
CA ALA A 194 4.51 -18.48 15.75
C ALA A 194 3.39 -19.34 16.34
N TYR A 195 2.60 -19.96 15.48
CA TYR A 195 1.53 -20.82 15.95
C TYR A 195 2.07 -22.04 16.69
N ILE A 196 3.19 -22.56 16.20
CA ILE A 196 3.85 -23.67 16.87
C ILE A 196 4.30 -23.21 18.26
N ALA A 197 4.90 -22.02 18.32
CA ALA A 197 5.43 -21.56 19.59
C ALA A 197 4.29 -21.22 20.57
N TYR A 198 3.18 -20.70 20.05
CA TYR A 198 1.98 -20.40 20.81
C TYR A 198 1.39 -21.71 21.39
N ALA A 199 1.31 -22.73 20.54
CA ALA A 199 0.84 -24.04 20.96
C ALA A 199 1.65 -24.55 22.15
N GLU A 200 2.97 -24.50 22.01
CA GLU A 200 3.88 -25.02 23.06
C GLU A 200 3.71 -24.34 24.41
N GLN A 201 3.36 -23.05 24.40
CA GLN A 201 3.17 -22.34 25.64
C GLN A 201 1.75 -22.53 26.17
N SER A 202 0.95 -23.36 25.50
CA SER A 202 -0.47 -23.47 25.85
C SER A 202 -0.74 -24.71 26.67
N VAL A 203 -1.82 -24.67 27.43
CA VAL A 203 -2.24 -25.86 28.15
C VAL A 203 -2.58 -26.95 27.13
N ARG A 204 -2.35 -28.20 27.52
CA ARG A 204 -2.39 -29.31 26.57
C ARG A 204 -3.65 -29.34 25.73
N ALA A 205 -4.81 -29.15 26.37
CA ALA A 205 -6.11 -29.25 25.71
C ALA A 205 -6.33 -28.16 24.65
N ARG A 206 -5.64 -27.04 24.78
CA ARG A 206 -5.78 -25.97 23.80
C ARG A 206 -4.72 -26.05 22.70
N GLN A 207 -3.82 -27.02 22.77
CA GLN A 207 -2.79 -27.14 21.74
C GLN A 207 -3.30 -27.56 20.34
N PRO A 208 -4.25 -28.51 20.26
CA PRO A 208 -4.57 -28.97 18.91
C PRO A 208 -4.96 -27.87 17.95
N GLU A 209 -5.82 -26.95 18.36
CA GLU A 209 -6.30 -25.93 17.43
C GLU A 209 -5.18 -24.99 16.97
N ARG A 210 -4.21 -24.77 17.86
CA ARG A 210 -3.05 -23.96 17.50
C ARG A 210 -2.14 -24.69 16.50
N TYR A 211 -1.90 -25.97 16.73
CA TYR A 211 -1.16 -26.76 15.75
C TYR A 211 -1.91 -26.84 14.43
N ARG A 212 -3.22 -26.96 14.51
CA ARG A 212 -4.05 -27.03 13.31
C ARG A 212 -3.85 -25.78 12.43
N ARG A 213 -3.81 -24.60 13.04
CA ARG A 213 -3.55 -23.37 12.31
C ARG A 213 -2.26 -23.47 11.50
N ALA A 214 -1.19 -23.98 12.10
CA ALA A 214 0.08 -24.10 11.42
C ALA A 214 -0.05 -25.07 10.24
N VAL A 215 -0.71 -26.20 10.49
CA VAL A 215 -0.99 -27.18 9.45
C VAL A 215 -1.74 -26.55 8.26
N GLU A 216 -2.78 -25.77 8.55
CA GLU A 216 -3.57 -25.12 7.51
C GLU A 216 -2.79 -24.04 6.75
N LEU A 217 -1.89 -23.34 7.42
CA LEU A 217 -1.10 -22.32 6.74
C LEU A 217 -0.14 -22.95 5.71
N TYR A 218 0.34 -24.15 5.99
CA TYR A 218 1.26 -24.79 5.06
C TYR A 218 0.56 -25.10 3.74
N GLU A 219 -0.68 -25.59 3.81
CA GLU A 219 -1.47 -25.88 2.63
C GLU A 219 -1.63 -24.62 1.78
N ARG A 220 -1.89 -23.49 2.45
CA ARG A 220 -2.13 -22.26 1.74
C ARG A 220 -0.85 -21.83 1.06
N LEU A 221 0.26 -21.91 1.78
CA LEU A 221 1.58 -21.66 1.20
C LEU A 221 1.71 -22.49 -0.07
N LEU A 222 1.44 -23.78 0.04
CA LEU A 222 1.54 -24.69 -1.09
C LEU A 222 0.57 -24.28 -2.21
N GLN A 223 -0.65 -23.92 -1.86
CA GLN A 223 -1.62 -23.54 -2.88
C GLN A 223 -1.35 -22.18 -3.54
N ILE A 224 -0.95 -21.19 -2.74
CA ILE A 224 -0.75 -19.85 -3.27
C ILE A 224 0.66 -19.60 -3.83
N PHE A 225 1.70 -20.05 -3.11
CA PHE A 225 3.08 -19.90 -3.58
C PHE A 225 3.76 -21.22 -3.90
N PRO A 226 3.24 -21.95 -4.90
CA PRO A 226 3.73 -23.30 -5.24
C PRO A 226 5.20 -23.32 -5.58
N ASP A 227 5.75 -22.16 -5.99
CA ASP A 227 7.16 -22.05 -6.37
C ASP A 227 8.03 -21.35 -5.31
N SER A 228 7.47 -21.08 -4.15
CA SER A 228 8.24 -20.45 -3.09
C SER A 228 9.45 -21.29 -2.65
N PRO A 229 10.62 -20.66 -2.52
CA PRO A 229 11.83 -21.36 -2.05
C PRO A 229 11.68 -21.83 -0.60
N LEU A 230 10.74 -21.21 0.10
CA LEU A 230 10.47 -21.49 1.51
C LEU A 230 9.67 -22.78 1.74
N LEU A 231 9.14 -23.38 0.67
CA LEU A 231 8.38 -24.62 0.78
C LEU A 231 9.17 -25.69 1.49
N ARG A 232 10.42 -25.86 1.10
CA ARG A 232 11.26 -26.89 1.71
C ARG A 232 11.67 -26.48 3.13
N THR A 233 11.93 -25.18 3.33
CA THR A 233 12.23 -24.67 4.67
C THR A 233 11.06 -24.90 5.61
N ALA A 234 9.87 -24.57 5.15
CA ALA A 234 8.67 -24.67 5.95
C ALA A 234 8.20 -26.11 6.18
N GLU A 235 8.68 -27.04 5.35
CA GLU A 235 8.27 -28.44 5.45
C GLU A 235 8.60 -29.00 6.82
N GLU A 236 9.75 -28.61 7.34
CA GLU A 236 10.18 -29.02 8.67
C GLU A 236 9.22 -28.49 9.73
N LEU A 237 8.74 -27.27 9.55
CA LEU A 237 7.82 -26.68 10.50
C LEU A 237 6.53 -27.46 10.44
N TYR A 238 6.08 -27.71 9.22
CA TYR A 238 4.83 -28.40 9.00
C TYR A 238 4.88 -29.78 9.66
N THR A 239 6.01 -30.45 9.50
CA THR A 239 6.22 -31.78 10.04
C THR A 239 6.10 -31.80 11.57
N ARG A 240 6.71 -30.80 12.22
CA ARG A 240 6.63 -30.66 13.66
C ARG A 240 5.17 -30.45 14.08
N ALA A 241 4.48 -29.51 13.46
CA ALA A 241 3.07 -29.27 13.78
C ALA A 241 2.21 -30.51 13.58
N ARG A 242 2.37 -31.16 12.42
CA ARG A 242 1.56 -32.32 12.06
C ARG A 242 1.75 -33.50 13.01
N GLN A 243 3.00 -33.79 13.37
CA GLN A 243 3.26 -34.92 14.25
C GLN A 243 2.74 -34.64 15.66
N ARG A 244 2.91 -33.40 16.14
CA ARG A 244 2.37 -33.09 17.46
C ARG A 244 0.84 -33.13 17.49
N LEU A 245 0.22 -32.67 16.41
CA LEU A 245 -1.22 -32.66 16.31
C LEU A 245 -1.73 -34.11 16.30
N THR A 246 -0.99 -34.99 15.62
CA THR A 246 -1.36 -36.40 15.58
C THR A 246 -1.33 -37.05 16.96
N GLU A 247 -0.26 -36.82 17.70
CA GLU A 247 -0.17 -37.37 19.07
C GLU A 247 -1.34 -36.89 19.94
N LEU A 248 -1.68 -35.61 19.80
CA LEU A 248 -2.77 -35.01 20.58
C LEU A 248 -4.11 -35.62 20.15
N GLU A 249 -4.32 -35.69 18.85
CA GLU A 249 -5.57 -36.20 18.31
C GLU A 249 -5.73 -37.69 18.63
N GLY A 250 -4.61 -38.42 18.59
CA GLY A 250 -4.63 -39.83 18.89
C GLY A 250 -4.63 -40.14 20.38
N ASP A 251 -4.55 -39.12 21.23
CA ASP A 251 -4.54 -39.37 22.68
C ASP A 251 -5.95 -39.60 23.21
N ALA A 252 -6.27 -40.86 23.45
CA ALA A 252 -7.60 -41.28 23.90
C ALA A 252 -8.01 -40.68 25.25
N SER A 253 -7.03 -40.22 26.02
CA SER A 253 -7.30 -39.66 27.35
C SER A 253 -7.38 -38.12 27.37
N LEU A 254 -7.28 -37.52 26.18
CA LEU A 254 -7.47 -36.08 26.05
C LEU A 254 -8.89 -35.80 25.56
N ALA A 255 -9.78 -35.46 26.50
CA ALA A 255 -11.21 -35.30 26.18
C ALA A 255 -11.53 -34.17 25.19
N GLN A 256 -11.19 -32.92 25.54
CA GLN A 256 -11.49 -31.75 24.68
C GLN A 256 -12.90 -31.21 24.88
N GLY A 257 -13.02 -30.08 25.55
CA GLY A 257 -14.29 -29.37 25.59
C GLY A 257 -14.68 -28.89 24.21
N GLN A 258 -15.95 -28.58 23.99
CA GLN A 258 -16.43 -28.14 22.68
C GLN A 258 -15.62 -27.01 22.02
N ARG A 259 -15.10 -26.09 22.82
CA ARG A 259 -14.36 -24.95 22.27
C ARG A 259 -13.00 -25.32 21.67
N GLN A 260 -12.58 -26.58 21.87
CA GLN A 260 -11.24 -27.02 21.49
C GLN A 260 -11.17 -27.93 20.24
N ASN A 261 -12.28 -28.09 19.54
CA ASN A 261 -12.34 -29.01 18.39
C ASN A 261 -11.93 -28.41 17.03
#